data_6Z3T
#
_entry.id   6Z3T
#
_cell.length_a   1.00
_cell.length_b   1.00
_cell.length_c   1.00
_cell.angle_alpha   90.00
_cell.angle_beta   90.00
_cell.angle_gamma   90.00
#
_symmetry.space_group_name_H-M   'P 1'
#
loop_
_entity.id
_entity.type
_entity.pdbx_description
1 polymer 'Protein transport protein Sec61 subunit alpha isoform 1'
2 polymer 'Protein transport protein Sec61 subunit gamma'
3 polymer 'Protein transport protein Sec61 subunit beta'
4 non-polymer '[(6~{S},7~{S},9~{Z},12~{R})-12-[(~{Z},2~{S},6~{R},7~{R},9~{R})-4,6-dimethyl-7,9-bis(oxidanyl)dec-4-en-2-yl]-7,9-dimethyl-2-oxidanylidene-1-oxacyclododec-9-en-6-yl] (2~{E},4~{E},6~{E},8~{E},10~{E},12~{S},13~{S},15~{S})-4,6,10-trimethyl-12,13,15-tris(oxidanyl)hexadeca-2,4,6,8,10-pentaenoate'
#
loop_
_entity_poly.entity_id
_entity_poly.type
_entity_poly.pdbx_seq_one_letter_code
_entity_poly.pdbx_strand_id
1 'polypeptide(L)'
;MAIKFLEVIKPFCVILPEIQKPERKIQFKEKVLWTAITLFIFLVCCQIPLFGIMSSDSADPFYWMRVILASNRGTLMELG
ISPIVTSGLIMQLLAGAKIIEVGDTPKDRALFNGAQKLFGMIITIGQSIVYVMTGMYGDPSEMGAGICLLITIQLFVAGL
IVLLLDELLQKGYGLGSGISLFIATNICETIVWKAFSPTTVNTGRGMEFEGAIIALFHLLATRTDKVRALREAFYRQNLP
NLMNLIATIFVFAVVIYFQGFRVDLPIKSARYRGQYNTYPIKLFYTSNIPIILQSALVSNLYVISQMLSARFSGNLLVSL
LGTWSDTSSGGPARAYPVGGLCHYLSPPESFGSVLEDPVHAVVYIVFMLGSCAFFSKTWIEVSGSSAKDVAKQLKEQQMV
MRGHRETSMVHELNRYIPTAAAFGGLCIGALSVLADFLGAIGSGTGILLAVTIIYQYFEIFVKEQSEVGSMGALLF
;
A
2 'polypeptide(L)' MDQVMQFVEPSRQFVKDSIRLVKRCTKPDRKEFQKIAMATAIGFAIMGFIGFFVKLIHIPINNIIVGG B
3 'polypeptide(L)'
;(UNK)(UNK)(UNK)(UNK)(UNK)(UNK)(UNK)(UNK)(UNK)(UNK)(UNK)(UNK)(UNK)(UNK)(UNK)(UNK)
(UNK)(UNK)(UNK)(UNK)
;
C
#
# COMPACT_ATOMS: atom_id res chain seq x y z
CA GLN A 27 -23.03 -0.74 -12.77
C GLN A 27 -22.76 0.31 -11.69
N PHE A 28 -23.41 1.46 -11.83
CA PHE A 28 -23.11 2.63 -11.01
C PHE A 28 -23.44 2.40 -9.54
N LYS A 29 -24.60 1.80 -9.26
CA LYS A 29 -24.95 1.53 -7.88
C LYS A 29 -24.17 0.36 -7.32
N GLU A 30 -23.82 -0.61 -8.18
CA GLU A 30 -23.12 -1.81 -7.72
C GLU A 30 -21.69 -1.48 -7.29
N LYS A 31 -21.02 -0.61 -8.06
CA LYS A 31 -19.63 -0.27 -7.77
C LYS A 31 -19.47 0.60 -6.53
N VAL A 32 -20.56 1.18 -6.02
CA VAL A 32 -20.52 1.93 -4.77
C VAL A 32 -21.04 1.03 -3.65
N LEU A 33 -21.97 0.13 -3.99
CA LEU A 33 -22.56 -0.76 -2.99
C LEU A 33 -21.57 -1.77 -2.46
N TRP A 34 -20.77 -2.36 -3.36
CA TRP A 34 -19.76 -3.34 -2.94
C TRP A 34 -18.71 -2.71 -2.03
N THR A 35 -18.28 -1.50 -2.36
CA THR A 35 -17.35 -0.79 -1.50
C THR A 35 -18.01 -0.31 -0.21
N ALA A 36 -19.33 -0.13 -0.21
CA ALA A 36 -20.02 0.17 1.05
C ALA A 36 -20.05 -1.03 1.97
N ILE A 37 -20.25 -2.23 1.41
CA ILE A 37 -20.14 -3.47 2.20
C ILE A 37 -18.72 -3.63 2.74
N THR A 38 -17.71 -3.36 1.90
CA THR A 38 -16.34 -3.49 2.35
C THR A 38 -15.97 -2.43 3.38
N LEU A 39 -16.57 -1.23 3.27
CA LEU A 39 -16.39 -0.19 4.28
C LEU A 39 -16.97 -0.62 5.62
N PHE A 40 -18.18 -1.18 5.60
CA PHE A 40 -18.82 -1.60 6.84
C PHE A 40 -18.10 -2.78 7.47
N ILE A 41 -17.62 -3.73 6.66
CA ILE A 41 -16.85 -4.84 7.24
C ILE A 41 -15.41 -4.47 7.54
N PHE A 42 -14.96 -3.28 7.13
CA PHE A 42 -13.71 -2.76 7.65
C PHE A 42 -13.89 -1.93 8.90
N LEU A 43 -15.09 -1.39 9.12
CA LEU A 43 -15.36 -0.68 10.36
C LEU A 43 -15.71 -1.63 11.49
N VAL A 44 -16.48 -2.68 11.22
CA VAL A 44 -16.83 -3.64 12.27
C VAL A 44 -15.63 -4.53 12.58
N CYS A 45 -14.70 -4.69 11.64
CA CYS A 45 -13.38 -5.24 11.92
C CYS A 45 -12.36 -4.13 12.11
N CYS A 46 -12.80 -3.03 12.71
CA CYS A 46 -11.90 -2.05 13.30
C CYS A 46 -12.29 -2.00 14.77
N GLN A 47 -12.47 -3.18 15.36
CA GLN A 47 -12.89 -3.30 16.75
C GLN A 47 -11.90 -4.15 17.52
N ILE A 48 -11.72 -3.82 18.79
CA ILE A 48 -10.80 -4.49 19.69
C ILE A 48 -11.50 -5.69 20.32
N PRO A 49 -10.78 -6.77 20.65
CA PRO A 49 -11.40 -7.89 21.36
C PRO A 49 -11.58 -7.54 22.84
N LEU A 50 -12.29 -8.42 23.54
CA LEU A 50 -12.50 -8.26 24.98
C LEU A 50 -12.11 -9.54 25.72
N PHE A 51 -11.00 -10.17 25.34
CA PHE A 51 -10.52 -11.38 26.00
C PHE A 51 -9.48 -11.05 27.07
N GLY A 52 -9.46 -9.82 27.56
CA GLY A 52 -8.43 -9.37 28.48
C GLY A 52 -7.67 -8.20 27.89
N ILE A 53 -7.37 -7.21 28.72
CA ILE A 53 -6.76 -5.96 28.26
C ILE A 53 -5.37 -5.85 28.85
N MET A 54 -4.39 -5.54 28.02
CA MET A 54 -3.03 -5.28 28.44
C MET A 54 -2.54 -4.03 27.72
N SER A 55 -1.29 -3.68 27.95
CA SER A 55 -0.62 -2.62 27.21
C SER A 55 -0.08 -3.20 25.90
N SER A 56 0.79 -2.45 25.23
CA SER A 56 1.39 -2.92 23.97
C SER A 56 2.51 -3.90 24.27
N ASP A 57 2.12 -5.14 24.58
CA ASP A 57 3.08 -6.22 24.74
C ASP A 57 2.89 -7.36 23.75
N SER A 58 1.64 -7.74 23.47
CA SER A 58 1.31 -8.60 22.35
C SER A 58 1.04 -7.80 21.08
N ALA A 59 1.17 -6.48 21.15
CA ALA A 59 0.96 -5.59 20.02
C ALA A 59 2.27 -5.08 19.42
N ASP A 60 3.41 -5.48 19.97
CA ASP A 60 4.67 -5.12 19.33
C ASP A 60 4.97 -5.92 18.05
N PRO A 61 4.70 -7.23 17.94
CA PRO A 61 4.80 -7.85 16.60
C PRO A 61 3.75 -7.36 15.62
N PHE A 62 2.52 -7.09 16.06
CA PHE A 62 1.49 -6.58 15.17
C PHE A 62 1.61 -5.07 14.94
N TYR A 63 2.54 -4.40 15.61
CA TYR A 63 2.75 -2.99 15.35
C TYR A 63 3.39 -2.78 13.98
N TRP A 64 4.39 -3.59 13.65
CA TRP A 64 5.05 -3.45 12.35
C TRP A 64 4.22 -4.01 11.21
N MET A 65 3.20 -4.81 11.50
CA MET A 65 2.25 -5.25 10.49
C MET A 65 1.00 -4.39 10.47
N ARG A 66 1.12 -3.11 10.80
CA ARG A 66 -0.03 -2.22 10.77
C ARG A 66 -0.39 -1.83 9.34
N VAL A 67 0.61 -1.68 8.48
CA VAL A 67 0.36 -1.31 7.09
C VAL A 67 0.38 -2.57 6.24
N ILE A 68 0.26 -3.73 6.87
CA ILE A 68 0.21 -4.98 6.13
C ILE A 68 -1.24 -5.29 5.76
N LEU A 69 -2.11 -5.40 6.76
CA LEU A 69 -3.52 -5.62 6.46
C LEU A 69 -4.43 -4.54 7.03
N ALA A 70 -4.35 -4.26 8.33
CA ALA A 70 -5.20 -3.27 8.96
C ALA A 70 -4.53 -2.77 10.23
N SER A 71 -5.21 -1.86 10.94
CA SER A 71 -4.57 -1.08 12.01
C SER A 71 -5.32 -1.22 13.33
N ASN A 72 -4.84 -2.12 14.19
CA ASN A 72 -5.19 -2.10 15.60
C ASN A 72 -4.00 -2.61 16.40
N ARG A 73 -4.03 -2.34 17.71
CA ARG A 73 -3.19 -3.03 18.67
C ARG A 73 -3.92 -4.25 19.23
N GLY A 74 -4.48 -5.03 18.32
CA GLY A 74 -5.27 -6.19 18.68
C GLY A 74 -5.80 -6.83 17.42
N THR A 75 -6.67 -7.83 17.59
CA THR A 75 -7.23 -8.56 16.47
C THR A 75 -8.32 -7.76 15.76
N LEU A 76 -8.11 -7.51 14.47
CA LEU A 76 -9.06 -6.75 13.67
C LEU A 76 -9.19 -7.37 12.28
N MET A 77 -8.06 -7.60 11.61
CA MET A 77 -8.04 -8.20 10.28
C MET A 77 -6.62 -8.76 10.13
N GLU A 78 -6.25 -9.57 11.13
CA GLU A 78 -4.94 -10.15 11.26
C GLU A 78 -4.28 -10.83 10.10
N LEU A 79 -4.89 -11.92 9.72
CA LEU A 79 -4.39 -12.77 8.64
C LEU A 79 -5.54 -13.17 7.71
N GLY A 80 -6.28 -12.17 7.23
CA GLY A 80 -7.60 -12.43 6.67
C GLY A 80 -7.59 -13.14 5.33
N ILE A 81 -7.17 -12.46 4.27
CA ILE A 81 -7.44 -12.87 2.90
C ILE A 81 -6.20 -13.42 2.21
N SER A 82 -5.03 -12.87 2.50
CA SER A 82 -3.79 -13.38 1.90
C SER A 82 -3.32 -14.74 2.41
N PRO A 83 -3.56 -15.17 3.66
CA PRO A 83 -3.27 -16.57 3.98
C PRO A 83 -4.15 -17.57 3.27
N ILE A 84 -5.37 -17.19 2.87
CA ILE A 84 -6.20 -18.03 2.02
C ILE A 84 -5.50 -18.30 0.70
N VAL A 85 -4.94 -17.25 0.09
CA VAL A 85 -4.27 -17.39 -1.19
C VAL A 85 -2.94 -18.14 -1.04
N THR A 86 -2.19 -17.89 0.03
CA THR A 86 -0.91 -18.60 0.17
C THR A 86 -1.12 -20.07 0.55
N SER A 87 -2.17 -20.37 1.32
CA SER A 87 -2.54 -21.76 1.55
C SER A 87 -3.01 -22.43 0.27
N GLY A 88 -3.67 -21.67 -0.60
CA GLY A 88 -3.92 -22.14 -1.95
C GLY A 88 -2.66 -22.43 -2.72
N LEU A 89 -1.64 -21.60 -2.54
CA LEU A 89 -0.35 -21.84 -3.19
C LEU A 89 0.32 -23.10 -2.64
N ILE A 90 0.18 -23.35 -1.34
CA ILE A 90 0.73 -24.56 -0.75
C ILE A 90 0.02 -25.80 -1.28
N MET A 91 -1.31 -25.75 -1.40
CA MET A 91 -2.00 -26.94 -1.90
C MET A 91 -1.81 -27.11 -3.41
N GLN A 92 -1.61 -26.00 -4.14
CA GLN A 92 -1.24 -26.12 -5.56
C GLN A 92 0.15 -26.69 -5.72
N LEU A 93 1.07 -26.34 -4.82
CA LEU A 93 2.43 -26.90 -4.89
C LEU A 93 2.42 -28.39 -4.53
N LEU A 94 1.56 -28.80 -3.59
CA LEU A 94 1.45 -30.22 -3.28
C LEU A 94 0.79 -30.98 -4.42
N ALA A 95 -0.21 -30.39 -5.07
CA ALA A 95 -0.90 -31.05 -6.17
C ALA A 95 -0.07 -31.05 -7.45
N GLY A 96 0.94 -30.18 -7.53
CA GLY A 96 1.80 -30.12 -8.71
C GLY A 96 3.18 -30.70 -8.56
N ALA A 97 3.66 -30.91 -7.33
CA ALA A 97 4.98 -31.48 -7.12
C ALA A 97 5.01 -32.22 -5.78
N ARG A 109 -12.58 -28.18 -9.08
CA ARG A 109 -12.34 -26.75 -8.98
C ARG A 109 -13.23 -26.12 -7.91
N ALA A 110 -14.48 -26.58 -7.88
CA ALA A 110 -15.44 -26.05 -6.91
C ALA A 110 -15.08 -26.47 -5.49
N LEU A 111 -14.65 -27.72 -5.31
CA LEU A 111 -14.21 -28.18 -3.99
C LEU A 111 -12.92 -27.48 -3.56
N PHE A 112 -12.04 -27.20 -4.52
CA PHE A 112 -10.82 -26.46 -4.25
C PHE A 112 -11.13 -25.05 -3.76
N ASN A 113 -12.01 -24.35 -4.49
CA ASN A 113 -12.41 -22.99 -4.12
C ASN A 113 -13.20 -22.97 -2.82
N GLY A 114 -13.96 -24.04 -2.53
CA GLY A 114 -14.67 -24.10 -1.27
C GLY A 114 -13.75 -24.35 -0.09
N ALA A 115 -12.76 -25.23 -0.25
CA ALA A 115 -11.82 -25.51 0.82
C ALA A 115 -10.81 -24.39 1.01
N GLN A 116 -10.70 -23.50 0.01
CA GLN A 116 -9.87 -22.30 0.14
C GLN A 116 -10.23 -21.47 1.37
N LYS A 117 -11.52 -21.15 1.53
CA LYS A 117 -11.97 -20.30 2.63
C LYS A 117 -11.73 -20.97 3.98
N LEU A 118 -12.01 -22.27 4.08
CA LEU A 118 -11.91 -22.95 5.37
C LEU A 118 -10.46 -23.18 5.77
N PHE A 119 -9.61 -23.57 4.82
CA PHE A 119 -8.20 -23.75 5.16
C PHE A 119 -7.51 -22.42 5.41
N GLY A 120 -7.87 -21.36 4.68
CA GLY A 120 -7.33 -20.06 5.00
C GLY A 120 -7.93 -19.39 6.20
N MET A 121 -9.04 -19.93 6.72
CA MET A 121 -9.65 -19.39 7.93
C MET A 121 -9.24 -20.11 9.20
N ILE A 122 -8.89 -21.39 9.13
CA ILE A 122 -8.41 -22.05 10.34
C ILE A 122 -7.02 -21.58 10.74
N ILE A 123 -6.22 -21.10 9.79
CA ILE A 123 -4.83 -20.79 10.10
C ILE A 123 -4.72 -19.44 10.80
N THR A 124 -5.64 -18.51 10.54
CA THR A 124 -5.60 -17.24 11.28
C THR A 124 -6.04 -17.43 12.73
N ILE A 125 -6.94 -18.39 12.99
CA ILE A 125 -7.31 -18.69 14.37
C ILE A 125 -6.17 -19.44 15.05
N GLY A 126 -5.50 -20.35 14.33
CA GLY A 126 -4.34 -21.03 14.85
C GLY A 126 -3.15 -20.11 15.13
N GLN A 127 -3.04 -19.01 14.40
CA GLN A 127 -2.02 -18.02 14.70
C GLN A 127 -2.47 -17.02 15.77
N SER A 128 -3.77 -16.77 15.87
CA SER A 128 -4.26 -15.95 16.99
C SER A 128 -4.17 -16.69 18.32
N ILE A 129 -4.08 -18.02 18.30
CA ILE A 129 -3.76 -18.79 19.51
C ILE A 129 -2.43 -18.35 20.10
N VAL A 130 -1.37 -18.33 19.28
CA VAL A 130 -0.08 -17.89 19.78
C VAL A 130 0.00 -16.38 19.89
N TYR A 131 -0.84 -15.63 19.18
CA TYR A 131 -0.88 -14.17 19.36
C TYR A 131 -1.53 -13.79 20.69
N VAL A 132 -2.46 -14.60 21.17
CA VAL A 132 -2.94 -14.45 22.54
C VAL A 132 -1.88 -14.91 23.52
N MET A 133 -1.27 -16.06 23.25
CA MET A 133 -0.35 -16.69 24.20
C MET A 133 1.09 -16.21 24.07
N THR A 134 1.32 -14.99 23.57
CA THR A 134 2.66 -14.40 23.61
C THR A 134 2.58 -12.88 23.81
N LEU A 149 -11.12 -16.60 19.64
CA LEU A 149 -12.47 -17.10 19.84
C LEU A 149 -13.49 -16.28 19.07
N LEU A 150 -13.24 -14.96 19.00
CA LEU A 150 -14.15 -14.04 18.35
C LEU A 150 -13.92 -13.92 16.85
N ILE A 151 -12.71 -14.25 16.37
CA ILE A 151 -12.25 -13.77 15.07
C ILE A 151 -12.77 -14.65 13.93
N THR A 152 -13.43 -15.76 14.25
CA THR A 152 -13.75 -16.79 13.25
C THR A 152 -14.76 -16.27 12.22
N ILE A 153 -15.96 -15.90 12.66
CA ILE A 153 -16.97 -15.43 11.72
C ILE A 153 -16.58 -14.06 11.15
N GLN A 154 -15.81 -13.27 11.92
CA GLN A 154 -15.35 -11.96 11.48
C GLN A 154 -14.44 -12.04 10.26
N LEU A 155 -13.34 -12.79 10.37
CA LEU A 155 -12.47 -12.94 9.23
C LEU A 155 -13.02 -13.89 8.18
N PHE A 156 -13.99 -14.75 8.52
CA PHE A 156 -14.63 -15.55 7.50
C PHE A 156 -15.48 -14.68 6.56
N VAL A 157 -16.27 -13.75 7.12
CA VAL A 157 -17.02 -12.86 6.24
C VAL A 157 -16.11 -11.81 5.61
N ALA A 158 -15.00 -11.43 6.27
CA ALA A 158 -14.04 -10.52 5.67
C ALA A 158 -13.31 -11.15 4.50
N GLY A 159 -13.18 -12.47 4.49
CA GLY A 159 -12.67 -13.16 3.31
C GLY A 159 -13.73 -13.37 2.24
N LEU A 160 -14.93 -13.78 2.68
CA LEU A 160 -15.95 -14.21 1.73
C LEU A 160 -16.56 -13.04 0.96
N ILE A 161 -16.64 -11.85 1.57
CA ILE A 161 -17.25 -10.71 0.87
C ILE A 161 -16.34 -10.23 -0.27
N VAL A 162 -15.04 -10.11 0.01
CA VAL A 162 -14.14 -9.69 -1.06
C VAL A 162 -13.92 -10.82 -2.05
N LEU A 163 -14.02 -12.08 -1.63
CA LEU A 163 -14.05 -13.17 -2.58
C LEU A 163 -15.27 -13.12 -3.50
N LEU A 164 -16.43 -12.72 -2.98
CA LEU A 164 -17.62 -12.57 -3.79
C LEU A 164 -17.52 -11.38 -4.74
N LEU A 165 -16.91 -10.28 -4.32
CA LEU A 165 -16.76 -9.17 -5.24
C LEU A 165 -15.56 -9.33 -6.17
N ASP A 166 -14.71 -10.33 -5.93
CA ASP A 166 -13.68 -10.69 -6.88
C ASP A 166 -14.09 -11.85 -7.80
N GLU A 167 -15.20 -12.51 -7.52
CA GLU A 167 -15.70 -13.60 -8.36
C GLU A 167 -16.95 -13.22 -9.13
N LEU A 168 -17.96 -12.66 -8.47
CA LEU A 168 -19.19 -12.21 -9.12
C LEU A 168 -19.07 -10.78 -9.62
N LEU A 169 -18.62 -9.86 -8.77
CA LEU A 169 -18.31 -8.52 -9.24
C LEU A 169 -16.93 -8.53 -9.87
N GLY A 178 -10.08 -7.09 -3.77
CA GLY A 178 -10.04 -5.82 -3.07
C GLY A 178 -9.15 -5.88 -1.85
N ILE A 179 -8.10 -6.72 -1.95
CA ILE A 179 -7.16 -6.88 -0.86
C ILE A 179 -6.39 -5.59 -0.63
N SER A 180 -5.96 -4.94 -1.71
CA SER A 180 -5.21 -3.70 -1.60
C SER A 180 -6.08 -2.53 -1.13
N LEU A 181 -7.41 -2.64 -1.29
CA LEU A 181 -8.30 -1.58 -0.83
C LEU A 181 -8.25 -1.41 0.69
N PHE A 182 -7.95 -2.50 1.42
CA PHE A 182 -7.80 -2.43 2.87
C PHE A 182 -6.62 -1.56 3.27
N ILE A 183 -5.47 -1.78 2.63
CA ILE A 183 -4.29 -0.98 2.93
C ILE A 183 -4.45 0.44 2.42
N ALA A 184 -5.19 0.61 1.33
CA ALA A 184 -5.45 1.95 0.80
C ALA A 184 -6.33 2.75 1.77
N THR A 185 -7.36 2.11 2.33
CA THR A 185 -8.16 2.75 3.36
C THR A 185 -7.34 2.99 4.63
N ASN A 186 -6.43 2.08 4.94
CA ASN A 186 -5.58 2.21 6.12
C ASN A 186 -4.64 3.41 6.01
N ILE A 187 -4.17 3.72 4.80
CA ILE A 187 -3.34 4.91 4.64
C ILE A 187 -4.20 6.16 4.48
N CYS A 188 -5.36 6.05 3.83
CA CYS A 188 -6.21 7.21 3.62
C CYS A 188 -6.87 7.68 4.90
N GLU A 189 -7.08 6.79 5.87
CA GLU A 189 -7.48 7.24 7.19
C GLU A 189 -6.31 7.89 7.92
N THR A 190 -5.09 7.42 7.66
CA THR A 190 -3.94 7.87 8.41
C THR A 190 -3.57 9.29 8.05
N ILE A 191 -3.70 9.65 6.77
CA ILE A 191 -3.41 11.01 6.34
C ILE A 191 -4.39 12.01 6.93
N VAL A 192 -5.66 11.62 7.07
CA VAL A 192 -6.65 12.53 7.64
C VAL A 192 -6.60 12.55 9.17
N TRP A 193 -6.27 11.42 9.79
CA TRP A 193 -6.07 11.37 11.24
C TRP A 193 -4.89 12.22 11.66
N LYS A 194 -3.81 12.21 10.89
CA LYS A 194 -2.67 13.06 11.19
C LYS A 194 -2.86 14.50 10.71
N ALA A 195 -4.00 14.79 10.07
CA ALA A 195 -4.38 16.16 9.75
C ALA A 195 -5.47 16.69 10.69
N PHE A 196 -6.37 15.83 11.14
CA PHE A 196 -7.39 16.17 12.12
C PHE A 196 -7.04 15.43 13.42
N SER A 197 -6.18 16.04 14.23
CA SER A 197 -5.87 15.51 15.55
C SER A 197 -6.08 16.58 16.61
N PRO A 198 -7.32 16.75 17.08
CA PRO A 198 -7.57 17.55 18.29
C PRO A 198 -7.71 16.73 19.56
N THR A 199 -7.40 15.44 19.53
CA THR A 199 -7.74 14.51 20.60
C THR A 199 -6.49 14.08 21.36
N THR A 200 -6.10 14.86 22.37
CA THR A 200 -5.11 14.43 23.34
C THR A 200 -5.37 15.15 24.66
N VAL A 201 -4.93 14.54 25.74
CA VAL A 201 -4.86 15.21 27.04
C VAL A 201 -3.73 16.22 26.96
N ASN A 202 -3.91 17.36 27.64
CA ASN A 202 -3.03 18.52 27.55
C ASN A 202 -1.59 18.17 27.92
N THR A 203 -0.71 18.24 26.93
CA THR A 203 0.71 18.00 27.09
C THR A 203 1.40 19.33 27.44
N GLY A 204 2.72 19.38 27.32
CA GLY A 204 3.52 20.52 27.74
C GLY A 204 3.26 21.81 26.97
N ARG A 205 2.57 21.74 25.83
CA ARG A 205 2.15 22.94 25.11
C ARG A 205 0.90 22.62 24.31
N GLY A 206 0.00 23.61 24.21
CA GLY A 206 -1.28 23.44 23.56
C GLY A 206 -2.40 23.34 24.57
N MET A 207 -3.63 23.35 24.05
CA MET A 207 -4.81 23.21 24.90
C MET A 207 -5.22 21.75 25.04
N GLU A 208 -5.58 21.10 23.93
CA GLU A 208 -5.81 19.66 23.85
C GLU A 208 -5.28 19.12 22.54
N PHE A 209 -4.24 19.76 22.00
CA PHE A 209 -3.95 19.69 20.58
C PHE A 209 -2.64 18.97 20.29
N GLU A 210 -2.50 18.53 19.05
CA GLU A 210 -1.35 17.80 18.55
C GLU A 210 -0.54 18.61 17.54
N GLY A 211 -0.88 19.88 17.32
CA GLY A 211 -0.19 20.67 16.32
C GLY A 211 -0.61 20.41 14.90
N ALA A 212 -1.76 19.77 14.70
CA ALA A 212 -2.28 19.44 13.38
C ALA A 212 -2.93 20.66 12.73
N ILE A 213 -3.67 20.45 11.65
CA ILE A 213 -4.21 21.55 10.85
C ILE A 213 -5.37 22.22 11.58
N ILE A 214 -6.36 21.44 12.02
CA ILE A 214 -7.46 22.02 12.79
C ILE A 214 -6.97 22.47 14.15
N ALA A 215 -5.89 21.87 14.65
CA ALA A 215 -5.27 22.33 15.88
C ALA A 215 -4.68 23.72 15.74
N LEU A 216 -3.97 23.99 14.63
CA LEU A 216 -3.50 25.34 14.37
C LEU A 216 -4.65 26.29 14.04
N PHE A 217 -5.73 25.77 13.46
CA PHE A 217 -6.91 26.57 13.16
C PHE A 217 -7.59 27.08 14.42
N HIS A 218 -7.74 26.22 15.44
CA HIS A 218 -8.29 26.69 16.69
C HIS A 218 -7.24 27.25 17.64
N LEU A 219 -5.94 27.18 17.27
CA LEU A 219 -4.90 27.76 18.09
C LEU A 219 -4.51 29.17 17.64
N LEU A 220 -4.83 29.53 16.39
CA LEU A 220 -4.40 30.84 15.87
C LEU A 220 -5.12 32.00 16.55
N ALA A 221 -6.40 31.84 16.88
CA ALA A 221 -7.16 32.94 17.47
C ALA A 221 -6.86 33.11 18.95
N THR A 222 -6.50 32.03 19.63
CA THR A 222 -6.21 32.11 21.05
C THR A 222 -4.74 32.36 21.35
N ARG A 223 -3.84 32.10 20.41
CA ARG A 223 -2.42 32.33 20.60
C ARG A 223 -1.94 33.36 19.60
N THR A 224 -1.38 34.44 20.11
CA THR A 224 -0.71 35.44 19.30
C THR A 224 0.76 35.05 19.16
N ASP A 225 1.60 36.00 18.73
CA ASP A 225 3.04 35.83 18.47
C ASP A 225 3.26 34.75 17.40
N LYS A 226 2.82 35.10 16.19
CA LYS A 226 2.96 34.21 15.03
C LYS A 226 4.40 34.00 14.60
N VAL A 227 5.33 34.86 15.02
CA VAL A 227 6.74 34.71 14.62
C VAL A 227 7.37 33.49 15.27
N ARG A 228 7.07 33.25 16.55
CA ARG A 228 7.52 32.01 17.18
C ARG A 228 6.63 30.83 16.79
N ALA A 229 5.35 31.09 16.50
CA ALA A 229 4.42 30.03 16.16
C ALA A 229 4.74 29.39 14.82
N LEU A 230 5.27 30.18 13.87
CA LEU A 230 5.63 29.60 12.58
C LEU A 230 6.84 28.68 12.71
N ARG A 231 7.83 29.07 13.52
CA ARG A 231 9.00 28.20 13.69
C ARG A 231 8.66 26.97 14.51
N GLU A 232 7.71 27.09 15.46
CA GLU A 232 7.24 25.90 16.17
C GLU A 232 6.43 24.99 15.25
N ALA A 233 5.65 25.55 14.34
CA ALA A 233 4.89 24.76 13.38
C ALA A 233 5.74 24.22 12.23
N PHE A 234 6.97 24.72 12.06
CA PHE A 234 7.86 24.20 11.03
C PHE A 234 8.95 23.29 11.58
N TYR A 235 9.24 23.33 12.88
CA TYR A 235 10.36 22.59 13.43
C TYR A 235 9.93 21.79 14.66
N ARG A 236 8.84 21.05 14.54
CA ARG A 236 8.40 20.10 15.56
C ARG A 236 8.65 18.68 15.08
N GLN A 237 9.11 17.83 15.98
CA GLN A 237 9.62 16.51 15.59
C GLN A 237 8.99 15.32 16.31
N ASN A 238 7.95 15.52 17.11
CA ASN A 238 7.31 14.43 17.83
C ASN A 238 5.83 14.28 17.48
N LEU A 239 5.27 15.21 16.72
CA LEU A 239 3.85 15.29 16.42
C LEU A 239 3.65 15.52 14.92
N PRO A 240 2.44 15.41 14.39
CA PRO A 240 2.20 15.85 13.01
C PRO A 240 2.39 17.36 12.88
N ASN A 241 3.27 17.75 11.97
CA ASN A 241 3.67 19.14 11.85
C ASN A 241 2.91 19.83 10.72
N LEU A 242 3.31 21.06 10.41
CA LEU A 242 2.74 21.82 9.31
C LEU A 242 3.65 21.80 8.08
N MET A 243 4.97 21.77 8.29
CA MET A 243 5.90 21.59 7.20
C MET A 243 5.97 20.14 6.74
N ASN A 244 5.40 19.22 7.52
CA ASN A 244 5.42 17.80 7.15
C ASN A 244 4.29 17.45 6.21
N LEU A 245 3.11 18.06 6.37
CA LEU A 245 1.98 17.78 5.51
C LEU A 245 2.15 18.32 4.09
N ILE A 246 3.04 19.28 3.89
CA ILE A 246 3.35 19.68 2.52
C ILE A 246 4.27 18.67 1.86
N ALA A 247 4.99 17.85 2.63
CA ALA A 247 5.82 16.81 2.05
C ALA A 247 5.00 15.64 1.55
N THR A 248 3.88 15.32 2.20
CA THR A 248 3.04 14.23 1.70
C THR A 248 2.16 14.66 0.55
N ILE A 249 2.10 15.95 0.25
CA ILE A 249 1.55 16.45 -1.00
C ILE A 249 2.63 16.51 -2.08
N PHE A 250 3.86 16.85 -1.68
CA PHE A 250 4.97 16.84 -2.63
C PHE A 250 5.27 15.44 -3.14
N VAL A 251 5.20 14.44 -2.26
CA VAL A 251 5.50 13.08 -2.72
C VAL A 251 4.37 12.55 -3.59
N PHE A 252 3.13 13.00 -3.38
CA PHE A 252 2.03 12.57 -4.24
C PHE A 252 2.09 13.26 -5.59
N ALA A 253 2.46 14.55 -5.60
CA ALA A 253 2.56 15.27 -6.86
C ALA A 253 3.79 14.86 -7.65
N VAL A 254 4.78 14.25 -7.00
CA VAL A 254 5.90 13.73 -7.75
C VAL A 254 5.62 12.30 -8.24
N VAL A 255 5.03 11.46 -7.41
CA VAL A 255 4.80 10.08 -7.86
C VAL A 255 3.60 9.99 -8.81
N ILE A 256 2.69 10.97 -8.81
CA ILE A 256 1.65 10.94 -9.81
C ILE A 256 2.15 11.50 -11.14
N TYR A 257 3.29 12.19 -11.12
CA TYR A 257 3.98 12.55 -12.35
C TYR A 257 4.82 11.40 -12.87
N PHE A 258 5.47 10.66 -11.98
CA PHE A 258 6.26 9.50 -12.38
C PHE A 258 5.38 8.28 -12.70
N GLN A 259 4.11 8.30 -12.30
CA GLN A 259 3.20 7.22 -12.63
C GLN A 259 2.89 7.22 -14.12
N GLY A 260 2.68 8.40 -14.69
CA GLY A 260 2.34 8.56 -16.07
C GLY A 260 3.49 8.47 -17.04
N PHE A 261 4.70 8.14 -16.60
CA PHE A 261 5.73 7.78 -17.55
C PHE A 261 5.44 6.42 -18.13
N ARG A 262 5.44 6.33 -19.45
CA ARG A 262 5.24 5.06 -20.11
C ARG A 262 5.96 5.09 -21.45
N VAL A 263 6.19 3.91 -22.00
CA VAL A 263 6.72 3.74 -23.34
C VAL A 263 5.58 3.28 -24.22
N ASP A 264 5.48 3.85 -25.42
CA ASP A 264 4.38 3.56 -26.31
C ASP A 264 4.88 2.77 -27.51
N LEU A 265 4.14 1.73 -27.88
CA LEU A 265 4.50 0.88 -29.00
C LEU A 265 3.32 0.77 -29.95
N PRO A 266 3.55 0.72 -31.25
CA PRO A 266 2.44 0.65 -32.20
C PRO A 266 2.03 -0.77 -32.54
N ILE A 267 0.74 -0.95 -32.76
CA ILE A 267 0.17 -2.23 -33.20
C ILE A 267 -0.92 -1.95 -34.23
N LYS A 268 -0.79 -2.54 -35.41
CA LYS A 268 -1.85 -2.62 -36.40
C LYS A 268 -2.36 -4.06 -36.35
N SER A 269 -3.65 -4.22 -36.02
CA SER A 269 -4.19 -5.56 -35.88
C SER A 269 -4.28 -6.24 -37.23
N ALA A 270 -4.26 -7.57 -37.20
CA ALA A 270 -4.12 -8.34 -38.41
C ALA A 270 -5.39 -8.30 -39.24
N ARG A 271 -5.21 -8.10 -40.54
CA ARG A 271 -6.28 -7.90 -41.51
C ARG A 271 -7.23 -6.77 -41.10
N TYR A 272 -6.65 -5.63 -40.71
CA TYR A 272 -7.41 -4.39 -40.49
C TYR A 272 -6.48 -3.22 -40.73
N ARG A 273 -6.82 -2.41 -41.71
CA ARG A 273 -5.90 -1.41 -42.27
C ARG A 273 -5.90 -0.16 -41.40
N GLY A 274 -5.11 -0.17 -40.34
CA GLY A 274 -4.78 1.06 -39.64
C GLY A 274 -5.41 1.32 -38.29
N GLN A 275 -5.86 0.28 -37.59
CA GLN A 275 -6.39 0.46 -36.23
C GLN A 275 -5.19 0.49 -35.28
N TYR A 276 -4.79 1.70 -34.86
CA TYR A 276 -3.56 1.89 -34.09
C TYR A 276 -3.80 1.66 -32.60
N ASN A 277 -4.15 0.43 -32.23
CA ASN A 277 -4.33 0.10 -30.82
C ASN A 277 -2.95 0.03 -30.17
N THR A 278 -2.48 1.14 -29.63
CA THR A 278 -1.13 1.17 -29.12
C THR A 278 -1.05 0.55 -27.73
N TYR A 279 0.10 -0.02 -27.42
CA TYR A 279 0.29 -0.80 -26.21
C TYR A 279 1.24 -0.04 -25.29
N PRO A 280 0.84 0.28 -24.08
CA PRO A 280 1.75 1.04 -23.20
C PRO A 280 2.59 0.16 -22.30
N ILE A 281 3.89 0.44 -22.28
CA ILE A 281 4.83 -0.27 -21.43
C ILE A 281 5.09 0.87 -20.33
N LYS A 282 4.46 0.82 -19.15
CA LYS A 282 4.62 1.87 -18.10
C LYS A 282 6.01 1.91 -17.46
N LEU A 283 6.34 2.99 -16.74
CA LEU A 283 7.65 3.06 -16.07
C LEU A 283 7.54 2.07 -14.91
N PHE A 284 6.39 2.10 -14.24
CA PHE A 284 6.16 1.19 -13.14
C PHE A 284 5.51 -0.06 -13.73
N TYR A 285 6.11 -0.59 -14.80
CA TYR A 285 5.61 -1.78 -15.52
C TYR A 285 4.97 -2.76 -14.55
N THR A 286 5.56 -2.76 -13.36
CA THR A 286 5.15 -3.54 -12.23
C THR A 286 4.64 -2.48 -11.27
N SER A 287 3.33 -2.38 -11.13
CA SER A 287 2.74 -1.37 -10.24
C SER A 287 3.47 -1.36 -8.91
N ASN A 288 3.43 -0.21 -8.22
CA ASN A 288 4.10 -0.11 -6.93
C ASN A 288 3.65 -1.35 -6.03
N ILE A 289 2.57 -2.10 -6.38
CA ILE A 289 2.14 -3.26 -5.62
C ILE A 289 3.31 -4.27 -5.49
N PRO A 290 3.79 -4.94 -6.58
CA PRO A 290 4.60 -6.15 -6.35
C PRO A 290 6.06 -5.87 -6.05
N ILE A 291 6.41 -4.65 -5.69
CA ILE A 291 7.74 -4.32 -5.21
C ILE A 291 7.71 -3.74 -3.80
N ILE A 292 6.81 -2.80 -3.53
CA ILE A 292 6.71 -2.25 -2.19
C ILE A 292 6.09 -3.27 -1.25
N LEU A 293 5.23 -4.16 -1.78
CA LEU A 293 4.78 -5.29 -0.96
C LEU A 293 5.94 -6.22 -0.63
N GLN A 294 6.90 -6.38 -1.53
CA GLN A 294 8.04 -7.23 -1.20
C GLN A 294 8.98 -6.57 -0.22
N SER A 295 9.16 -5.25 -0.33
CA SER A 295 9.97 -4.52 0.65
C SER A 295 9.33 -4.57 2.03
N ALA A 296 8.01 -4.41 2.09
CA ALA A 296 7.31 -4.53 3.36
C ALA A 296 7.34 -5.95 3.89
N LEU A 297 7.21 -6.95 3.03
CA LEU A 297 7.18 -8.33 3.47
C LEU A 297 8.55 -8.83 3.91
N VAL A 298 9.63 -8.18 3.47
CA VAL A 298 10.91 -8.55 4.09
C VAL A 298 11.15 -7.72 5.35
N SER A 299 10.77 -6.44 5.35
CA SER A 299 11.12 -5.56 6.46
C SER A 299 10.30 -5.87 7.70
N ASN A 300 8.97 -5.91 7.57
CA ASN A 300 8.08 -6.10 8.70
C ASN A 300 8.12 -7.51 9.26
N LEU A 301 8.73 -8.46 8.56
CA LEU A 301 8.93 -9.77 9.14
C LEU A 301 10.30 -9.90 9.79
N TYR A 302 11.35 -9.34 9.17
CA TYR A 302 12.67 -9.41 9.78
C TYR A 302 12.74 -8.60 11.06
N VAL A 303 12.00 -7.48 11.11
CA VAL A 303 12.01 -6.62 12.28
C VAL A 303 11.37 -7.34 13.47
N ILE A 304 10.20 -7.96 13.26
CA ILE A 304 9.54 -8.60 14.39
C ILE A 304 10.19 -9.94 14.73
N SER A 305 10.89 -10.57 13.79
CA SER A 305 11.65 -11.76 14.14
C SER A 305 12.88 -11.39 14.98
N GLN A 306 13.51 -10.25 14.69
CA GLN A 306 14.57 -9.76 15.55
C GLN A 306 14.05 -9.27 16.90
N MET A 307 12.78 -8.87 16.96
CA MET A 307 12.17 -8.63 18.28
C MET A 307 12.00 -9.93 19.05
N LEU A 308 11.43 -10.96 18.39
CA LEU A 308 11.01 -12.17 19.09
C LEU A 308 12.18 -13.05 19.51
N SER A 309 13.13 -13.30 18.60
CA SER A 309 14.23 -14.20 18.93
C SER A 309 15.19 -13.62 19.95
N ALA A 310 15.28 -12.29 20.05
CA ALA A 310 16.16 -11.66 21.03
C ALA A 310 15.63 -11.83 22.45
N ARG A 311 14.32 -12.01 22.60
CA ARG A 311 13.71 -12.20 23.91
C ARG A 311 13.37 -13.66 24.18
N PHE A 312 13.41 -14.53 23.17
CA PHE A 312 13.24 -15.95 23.40
C PHE A 312 14.55 -16.71 23.47
N SER A 313 15.65 -16.13 23.00
CA SER A 313 16.97 -16.74 23.14
C SER A 313 18.03 -15.66 23.19
N PRO A 337 18.69 -8.10 18.03
CA PRO A 337 18.57 -7.00 18.98
C PRO A 337 17.96 -5.73 18.35
N VAL A 338 17.24 -4.97 19.17
CA VAL A 338 16.51 -3.81 18.68
C VAL A 338 17.44 -2.66 18.35
N GLY A 339 18.41 -2.39 19.21
CA GLY A 339 19.35 -1.32 18.97
C GLY A 339 20.76 -1.86 18.82
N GLY A 340 20.95 -3.13 19.19
CA GLY A 340 22.23 -3.77 18.99
C GLY A 340 22.53 -4.12 17.55
N LEU A 341 21.50 -4.19 16.71
CA LEU A 341 21.66 -4.53 15.30
C LEU A 341 20.89 -3.58 14.38
N CYS A 342 20.66 -2.33 14.81
CA CYS A 342 19.86 -1.38 14.04
C CYS A 342 20.66 -0.64 12.97
N HIS A 343 21.95 -0.93 12.85
CA HIS A 343 22.85 -0.18 11.99
C HIS A 343 22.69 -0.52 10.51
N TYR A 344 21.77 -1.43 10.17
CA TYR A 344 21.42 -1.72 8.79
C TYR A 344 19.90 -1.79 8.61
N LEU A 345 19.14 -1.53 9.66
CA LEU A 345 17.69 -1.75 9.67
C LEU A 345 16.89 -0.47 9.48
N SER A 346 17.23 0.57 10.23
CA SER A 346 16.27 1.63 10.52
C SER A 346 16.10 2.58 9.33
N PRO A 347 14.88 2.83 8.88
CA PRO A 347 14.63 3.96 8.00
C PRO A 347 14.70 5.26 8.78
N PRO A 348 15.64 6.15 8.45
CA PRO A 348 15.77 7.39 9.22
C PRO A 348 14.64 8.36 8.94
N GLU A 349 14.11 8.93 10.01
CA GLU A 349 13.00 9.88 9.96
C GLU A 349 13.35 11.14 10.74
N SER A 350 14.57 11.64 10.54
CA SER A 350 15.05 12.84 11.20
C SER A 350 15.31 13.93 10.17
N PHE A 351 15.07 15.18 10.57
CA PHE A 351 15.31 16.30 9.68
C PHE A 351 16.80 16.58 9.54
N GLY A 352 17.57 16.40 10.59
CA GLY A 352 19.01 16.36 10.46
C GLY A 352 19.45 14.92 10.23
N SER A 353 19.62 14.55 8.97
CA SER A 353 19.83 13.15 8.65
C SER A 353 21.29 12.75 8.67
N VAL A 354 22.20 13.72 8.76
CA VAL A 354 23.62 13.42 8.97
C VAL A 354 23.79 13.33 10.48
N LEU A 355 23.41 12.19 11.02
CA LEU A 355 23.49 11.85 12.43
C LEU A 355 24.78 11.05 12.67
N GLU A 356 24.84 10.39 13.82
CA GLU A 356 26.03 9.63 14.23
C GLU A 356 26.39 8.41 13.38
N ASP A 357 25.49 8.00 12.50
CA ASP A 357 25.72 6.84 11.64
C ASP A 357 25.38 7.19 10.20
N PRO A 358 26.24 7.97 9.52
CA PRO A 358 25.96 8.29 8.12
C PRO A 358 26.22 7.14 7.17
N VAL A 359 26.96 6.11 7.59
CA VAL A 359 27.11 4.91 6.79
C VAL A 359 25.84 4.08 6.82
N HIS A 360 25.03 4.21 7.88
CA HIS A 360 23.75 3.53 7.94
C HIS A 360 22.78 4.03 6.88
N ALA A 361 22.77 5.34 6.62
CA ALA A 361 21.94 5.88 5.54
C ALA A 361 22.37 5.36 4.19
N VAL A 362 23.68 5.16 3.99
CA VAL A 362 24.18 4.63 2.73
C VAL A 362 23.76 3.17 2.55
N VAL A 363 23.91 2.37 3.60
CA VAL A 363 23.54 0.95 3.51
C VAL A 363 22.03 0.81 3.39
N TYR A 364 21.27 1.69 4.02
CA TYR A 364 19.82 1.67 3.91
C TYR A 364 19.36 2.06 2.51
N ILE A 365 20.03 3.05 1.90
CA ILE A 365 19.65 3.42 0.54
C ILE A 365 20.09 2.34 -0.45
N VAL A 366 21.15 1.59 -0.14
CA VAL A 366 21.55 0.51 -1.03
C VAL A 366 20.57 -0.65 -0.93
N PHE A 367 20.04 -0.91 0.27
CA PHE A 367 18.95 -1.88 0.40
C PHE A 367 17.72 -1.43 -0.37
N MET A 368 17.19 -0.25 -0.01
CA MET A 368 15.95 0.31 -0.56
C MET A 368 16.06 0.66 -2.05
N LEU A 369 17.23 0.58 -2.67
CA LEU A 369 17.30 0.53 -4.12
C LEU A 369 17.47 -0.88 -4.65
N GLY A 370 18.58 -1.54 -4.27
CA GLY A 370 18.99 -2.74 -4.97
C GLY A 370 18.15 -3.96 -4.66
N SER A 371 17.72 -4.13 -3.41
CA SER A 371 16.99 -5.34 -3.07
C SER A 371 15.58 -5.31 -3.65
N CYS A 372 14.94 -4.14 -3.64
CA CYS A 372 13.61 -4.08 -4.23
C CYS A 372 13.66 -4.09 -5.75
N ALA A 373 14.71 -3.49 -6.35
CA ALA A 373 14.87 -3.61 -7.80
C ALA A 373 15.15 -5.04 -8.22
N PHE A 374 15.89 -5.79 -7.40
CA PHE A 374 16.09 -7.21 -7.66
C PHE A 374 14.78 -7.97 -7.51
N PHE A 375 13.93 -7.55 -6.57
CA PHE A 375 12.61 -8.16 -6.45
C PHE A 375 11.77 -7.92 -7.69
N SER A 376 11.87 -6.73 -8.28
CA SER A 376 11.12 -6.43 -9.50
C SER A 376 11.63 -7.26 -10.68
N LYS A 377 12.95 -7.28 -10.87
CA LYS A 377 13.54 -8.02 -11.98
C LYS A 377 13.34 -9.51 -11.84
N THR A 378 13.19 -10.03 -10.63
CA THR A 378 12.84 -11.42 -10.46
C THR A 378 11.34 -11.63 -10.43
N TRP A 379 10.56 -10.57 -10.33
CA TRP A 379 9.12 -10.69 -10.38
C TRP A 379 8.58 -10.76 -11.80
N ILE A 380 9.26 -10.11 -12.75
CA ILE A 380 8.77 -10.15 -14.13
C ILE A 380 8.88 -11.56 -14.71
N GLU A 381 9.92 -12.30 -14.38
CA GLU A 381 10.14 -13.60 -14.99
C GLU A 381 9.30 -14.70 -14.38
N VAL A 382 8.48 -14.37 -13.39
CA VAL A 382 7.59 -15.33 -12.75
C VAL A 382 6.14 -15.02 -13.04
N SER A 383 5.74 -13.76 -12.90
CA SER A 383 4.32 -13.39 -12.92
C SER A 383 3.82 -13.08 -14.31
N GLY A 384 4.10 -13.98 -15.26
CA GLY A 384 3.49 -14.01 -16.57
C GLY A 384 3.52 -12.79 -17.46
N SER A 385 4.31 -11.77 -17.10
CA SER A 385 4.35 -10.54 -17.87
C SER A 385 5.76 -10.22 -18.31
N SER A 386 6.54 -11.26 -18.58
CA SER A 386 7.86 -11.07 -19.15
C SER A 386 7.75 -10.72 -20.62
N ALA A 387 8.91 -10.48 -21.25
CA ALA A 387 8.91 -10.10 -22.66
C ALA A 387 8.49 -11.27 -23.54
N LYS A 388 8.96 -12.47 -23.24
CA LYS A 388 8.66 -13.61 -24.08
C LYS A 388 7.25 -14.13 -23.87
N ASP A 389 6.57 -13.70 -22.81
CA ASP A 389 5.18 -14.08 -22.61
C ASP A 389 4.21 -13.02 -23.12
N VAL A 390 4.63 -11.76 -23.13
CA VAL A 390 3.74 -10.72 -23.62
C VAL A 390 3.63 -10.76 -25.13
N ALA A 391 4.59 -11.37 -25.82
CA ALA A 391 4.39 -11.65 -27.23
C ALA A 391 3.32 -12.72 -27.45
N LYS A 392 3.21 -13.68 -26.52
CA LYS A 392 2.14 -14.66 -26.62
C LYS A 392 0.79 -14.02 -26.36
N GLN A 393 0.72 -13.14 -25.36
CA GLN A 393 -0.53 -12.44 -25.10
C GLN A 393 -0.88 -11.46 -26.22
N LEU A 394 0.11 -10.96 -26.95
CA LEU A 394 -0.19 -10.12 -28.09
C LEU A 394 -0.62 -10.94 -29.29
N LYS A 395 0.02 -12.09 -29.52
CA LYS A 395 -0.26 -12.88 -30.72
C LYS A 395 -1.57 -13.62 -30.59
N GLU A 396 -1.94 -14.02 -29.37
CA GLU A 396 -3.24 -14.66 -29.16
C GLU A 396 -4.41 -13.72 -29.38
N GLN A 397 -4.20 -12.41 -29.23
CA GLN A 397 -5.24 -11.43 -29.47
C GLN A 397 -5.34 -11.02 -30.94
N GLN A 398 -4.61 -11.69 -31.83
CA GLN A 398 -4.46 -11.31 -33.24
C GLN A 398 -3.97 -9.88 -33.37
N MET A 399 -2.83 -9.60 -32.75
CA MET A 399 -2.18 -8.30 -32.84
C MET A 399 -0.75 -8.52 -33.27
N VAL A 400 -0.26 -7.66 -34.16
CA VAL A 400 1.10 -7.79 -34.63
C VAL A 400 1.73 -6.37 -34.60
N MET A 401 3.05 -6.30 -34.54
CA MET A 401 3.72 -5.01 -34.57
C MET A 401 3.75 -4.57 -36.03
N ARG A 402 4.17 -3.34 -36.26
CA ARG A 402 4.24 -2.78 -37.60
C ARG A 402 5.71 -2.53 -37.89
N GLY A 403 6.53 -3.52 -37.57
CA GLY A 403 7.97 -3.40 -37.76
C GLY A 403 8.69 -4.39 -38.64
N HIS A 404 9.02 -5.56 -38.10
CA HIS A 404 9.79 -6.54 -38.88
C HIS A 404 9.17 -7.89 -39.24
N ARG A 405 9.02 -8.77 -38.23
CA ARG A 405 8.53 -10.13 -38.49
C ARG A 405 7.49 -10.65 -37.46
N GLU A 406 7.00 -11.88 -37.64
CA GLU A 406 5.96 -12.47 -36.75
C GLU A 406 6.36 -12.91 -35.44
N THR A 407 7.65 -12.85 -35.30
CA THR A 407 8.20 -13.27 -34.03
C THR A 407 9.30 -12.38 -33.49
N SER A 408 9.80 -11.41 -34.26
CA SER A 408 10.80 -10.50 -33.72
C SER A 408 10.21 -9.39 -32.87
N MET A 409 8.90 -9.43 -32.63
CA MET A 409 8.25 -8.56 -31.65
C MET A 409 8.75 -8.81 -30.25
N VAL A 410 9.29 -9.99 -29.97
CA VAL A 410 9.94 -10.25 -28.68
C VAL A 410 11.12 -9.31 -28.49
N HIS A 411 12.08 -9.36 -29.41
CA HIS A 411 13.26 -8.52 -29.28
C HIS A 411 12.93 -7.05 -29.53
N GLU A 412 11.89 -6.78 -30.31
CA GLU A 412 11.52 -5.39 -30.57
C GLU A 412 10.89 -4.71 -29.36
N LEU A 413 10.66 -5.42 -28.26
CA LEU A 413 10.33 -4.81 -26.98
C LEU A 413 11.20 -5.26 -25.83
N ASN A 414 12.04 -6.27 -26.02
CA ASN A 414 12.94 -6.74 -24.98
C ASN A 414 14.14 -5.82 -24.78
N ARG A 415 14.25 -4.77 -25.58
CA ARG A 415 15.16 -3.68 -25.26
C ARG A 415 14.55 -2.70 -24.28
N TYR A 416 13.24 -2.82 -24.03
CA TYR A 416 12.54 -1.88 -23.16
C TYR A 416 11.96 -2.52 -21.92
N ILE A 417 11.64 -3.81 -21.96
CA ILE A 417 11.04 -4.45 -20.78
C ILE A 417 12.01 -4.63 -19.62
N PRO A 418 13.22 -5.21 -19.76
CA PRO A 418 14.04 -5.41 -18.55
C PRO A 418 14.58 -4.12 -17.98
N THR A 419 14.76 -3.08 -18.78
CA THR A 419 15.15 -1.81 -18.20
C THR A 419 13.98 -1.14 -17.51
N ALA A 420 12.77 -1.29 -18.04
CA ALA A 420 11.61 -0.77 -17.32
C ALA A 420 11.16 -1.69 -16.19
N ALA A 421 11.84 -2.81 -15.97
CA ALA A 421 11.67 -3.51 -14.71
C ALA A 421 12.75 -3.11 -13.71
N ALA A 422 14.01 -3.07 -14.16
CA ALA A 422 15.11 -2.75 -13.26
C ALA A 422 15.07 -1.29 -12.82
N PHE A 423 15.08 -0.35 -13.76
CA PHE A 423 14.96 1.05 -13.39
C PHE A 423 13.56 1.36 -12.86
N GLY A 424 12.56 0.60 -13.29
CA GLY A 424 11.23 0.78 -12.74
C GLY A 424 11.11 0.24 -11.33
N GLY A 425 12.10 -0.51 -10.87
CA GLY A 425 12.20 -0.90 -9.49
C GLY A 425 13.16 -0.06 -8.69
N LEU A 426 14.08 0.61 -9.39
CA LEU A 426 15.06 1.45 -8.71
C LEU A 426 14.50 2.84 -8.43
N CYS A 427 13.78 3.42 -9.39
CA CYS A 427 13.30 4.77 -9.20
C CYS A 427 12.16 4.83 -8.19
N ILE A 428 11.37 3.77 -8.10
CA ILE A 428 10.36 3.72 -7.05
C ILE A 428 11.01 3.54 -5.69
N GLY A 429 12.14 2.87 -5.62
CA GLY A 429 12.87 2.79 -4.37
C GLY A 429 13.46 4.13 -3.98
N ALA A 430 13.92 4.90 -4.96
CA ALA A 430 14.42 6.23 -4.67
C ALA A 430 13.30 7.16 -4.25
N LEU A 431 12.12 7.01 -4.83
CA LEU A 431 11.00 7.83 -4.41
C LEU A 431 10.28 7.29 -3.18
N SER A 432 10.69 6.12 -2.68
CA SER A 432 10.30 5.73 -1.34
C SER A 432 11.34 6.16 -0.32
N VAL A 433 12.60 6.29 -0.75
CA VAL A 433 13.62 6.89 0.10
C VAL A 433 13.31 8.36 0.35
N LEU A 434 13.00 9.10 -0.70
CA LEU A 434 12.66 10.51 -0.53
C LEU A 434 11.22 10.75 -0.07
N ALA A 435 10.54 9.73 0.46
CA ALA A 435 9.35 9.91 1.28
C ALA A 435 9.70 9.77 2.76
N ASP A 436 10.95 9.48 3.08
CA ASP A 436 11.43 9.35 4.43
C ASP A 436 12.58 10.29 4.75
N PHE A 437 13.45 10.53 3.76
CA PHE A 437 14.56 11.46 3.93
C PHE A 437 14.03 12.88 4.16
N LEU A 438 13.05 13.29 3.38
CA LEU A 438 12.24 14.42 3.78
C LEU A 438 11.28 14.02 4.89
N GLY A 439 10.60 12.90 4.72
CA GLY A 439 9.60 12.46 5.67
C GLY A 439 8.28 13.08 5.26
N ALA A 440 7.31 12.27 4.82
CA ALA A 440 6.13 12.84 4.20
C ALA A 440 4.88 12.72 5.05
N ILE A 441 4.42 11.50 5.33
CA ILE A 441 3.40 11.35 6.36
C ILE A 441 3.71 10.09 7.16
N GLY A 442 4.59 9.25 6.62
CA GLY A 442 4.82 7.96 7.23
C GLY A 442 6.17 7.36 6.94
N SER A 443 6.20 6.04 6.73
CA SER A 443 7.44 5.28 6.64
C SER A 443 7.89 5.04 5.21
N GLY A 444 7.30 5.72 4.23
CA GLY A 444 7.71 5.54 2.85
C GLY A 444 7.19 4.29 2.17
N THR A 445 6.56 3.38 2.91
CA THR A 445 6.09 2.13 2.35
C THR A 445 4.60 2.18 2.02
N GLY A 446 3.75 2.38 3.02
CA GLY A 446 2.33 2.47 2.74
C GLY A 446 1.95 3.78 2.09
N ILE A 447 2.73 4.83 2.38
CA ILE A 447 2.41 6.15 1.86
C ILE A 447 2.75 6.29 0.39
N LEU A 448 3.52 5.34 -0.13
CA LEU A 448 3.92 5.35 -1.54
C LEU A 448 3.25 4.22 -2.32
N LEU A 449 2.69 3.25 -1.59
CA LEU A 449 2.02 2.12 -2.21
C LEU A 449 0.51 2.35 -2.27
N ALA A 450 0.06 3.42 -1.62
CA ALA A 450 -1.37 3.75 -1.59
C ALA A 450 -1.81 4.43 -2.88
N VAL A 451 -0.84 5.05 -3.57
CA VAL A 451 -1.12 5.76 -4.81
C VAL A 451 -1.32 4.78 -5.96
N THR A 452 -0.71 3.59 -5.90
CA THR A 452 -0.96 2.64 -6.96
C THR A 452 -2.32 2.00 -6.82
N ILE A 453 -2.87 1.94 -5.60
CA ILE A 453 -4.20 1.40 -5.47
C ILE A 453 -5.22 2.44 -5.89
N ILE A 454 -4.91 3.71 -5.66
CA ILE A 454 -5.76 4.78 -6.19
C ILE A 454 -5.74 4.76 -7.72
N TYR A 455 -4.57 4.54 -8.33
CA TYR A 455 -4.51 4.46 -9.79
C TYR A 455 -5.15 3.19 -10.32
N GLN A 456 -4.95 2.06 -9.63
CA GLN A 456 -5.50 0.78 -10.03
C GLN A 456 -7.01 0.73 -9.87
N TYR A 457 -7.58 1.55 -9.01
CA TYR A 457 -9.03 1.66 -8.99
C TYR A 457 -9.55 2.77 -9.90
N PHE A 458 -8.70 3.75 -10.21
CA PHE A 458 -9.04 4.73 -11.24
C PHE A 458 -9.19 4.05 -12.60
N GLU A 459 -8.32 3.09 -12.90
CA GLU A 459 -8.41 2.42 -14.18
C GLU A 459 -9.67 1.55 -14.26
N ILE A 460 -10.10 0.99 -13.12
CA ILE A 460 -11.36 0.26 -13.09
C ILE A 460 -12.53 1.21 -13.32
N PHE A 461 -12.49 2.39 -12.69
CA PHE A 461 -13.57 3.37 -12.82
C PHE A 461 -13.65 3.92 -14.23
N VAL A 462 -12.52 4.08 -14.90
CA VAL A 462 -12.57 4.58 -16.28
C VAL A 462 -12.85 3.44 -17.25
N LYS A 463 -12.54 2.20 -16.87
CA LYS A 463 -12.82 1.07 -17.75
C LYS A 463 -14.32 0.78 -17.80
N GLU A 464 -14.92 0.45 -16.64
CA GLU A 464 -16.36 0.26 -16.59
C GLU A 464 -16.89 0.47 -15.18
N PHE B 7 33.64 -5.93 -14.61
CA PHE B 7 32.40 -6.21 -13.91
C PHE B 7 31.74 -4.92 -13.40
N VAL B 8 32.23 -3.79 -13.91
CA VAL B 8 31.54 -2.51 -13.77
C VAL B 8 30.98 -2.04 -15.11
N GLU B 9 31.43 -2.62 -16.21
CA GLU B 9 30.89 -2.33 -17.53
C GLU B 9 29.47 -2.86 -17.74
N PRO B 10 29.02 -3.99 -17.14
CA PRO B 10 27.56 -4.23 -17.12
C PRO B 10 26.76 -3.17 -16.38
N SER B 11 27.27 -2.58 -15.31
CA SER B 11 26.55 -1.49 -14.66
C SER B 11 26.55 -0.23 -15.52
N ARG B 12 27.65 0.00 -16.23
CA ARG B 12 27.71 1.09 -17.21
C ARG B 12 26.69 0.87 -18.33
N GLN B 13 26.55 -0.38 -18.79
CA GLN B 13 25.55 -0.72 -19.78
C GLN B 13 24.14 -0.49 -19.25
N PHE B 14 23.91 -0.81 -17.97
CA PHE B 14 22.59 -0.58 -17.39
C PHE B 14 22.26 0.90 -17.29
N VAL B 15 23.21 1.73 -16.86
CA VAL B 15 22.87 3.14 -16.68
C VAL B 15 22.75 3.84 -18.04
N LYS B 16 23.54 3.43 -19.04
CA LYS B 16 23.35 4.02 -20.36
C LYS B 16 22.06 3.52 -21.00
N ASP B 17 21.63 2.30 -20.67
CA ASP B 17 20.34 1.84 -21.18
C ASP B 17 19.19 2.53 -20.49
N SER B 18 19.34 2.88 -19.23
CA SER B 18 18.26 3.56 -18.53
C SER B 18 18.12 5.01 -18.99
N ILE B 19 19.25 5.68 -19.24
CA ILE B 19 19.14 7.03 -19.78
C ILE B 19 18.71 7.00 -21.24
N ARG B 20 18.94 5.89 -21.94
CA ARG B 20 18.35 5.74 -23.27
C ARG B 20 16.86 5.44 -23.19
N LEU B 21 16.40 4.86 -22.08
CA LEU B 21 14.97 4.57 -21.94
C LEU B 21 14.18 5.83 -21.61
N VAL B 22 14.63 6.60 -20.62
CA VAL B 22 13.81 7.75 -20.19
C VAL B 22 13.82 8.89 -21.19
N LYS B 23 14.70 8.87 -22.17
CA LYS B 23 14.62 9.78 -23.30
C LYS B 23 13.68 9.26 -24.39
N ARG B 24 13.20 8.03 -24.25
CA ARG B 24 12.25 7.44 -25.18
C ARG B 24 10.82 7.51 -24.66
N CYS B 25 10.66 7.51 -23.33
CA CYS B 25 9.34 7.50 -22.71
C CYS B 25 8.59 8.80 -23.00
N THR B 26 7.27 8.71 -23.01
CA THR B 26 6.44 9.89 -23.13
C THR B 26 6.15 10.46 -21.74
N LYS B 27 5.98 11.78 -21.68
CA LYS B 27 5.92 12.46 -20.40
C LYS B 27 4.58 13.17 -20.25
N PRO B 28 3.94 13.08 -19.08
CA PRO B 28 2.78 13.95 -18.80
C PRO B 28 3.25 15.35 -18.50
N ASP B 29 2.85 16.32 -19.33
CA ASP B 29 3.39 17.66 -19.17
C ASP B 29 2.48 18.60 -18.37
N ARG B 30 1.30 18.94 -18.90
CA ARG B 30 0.46 19.94 -18.23
C ARG B 30 -1.02 19.62 -18.19
N LYS B 31 -1.56 18.79 -19.07
CA LYS B 31 -2.99 18.56 -19.06
C LYS B 31 -3.36 17.22 -18.45
N GLU B 32 -2.75 16.14 -18.95
CA GLU B 32 -2.97 14.82 -18.39
C GLU B 32 -2.42 14.70 -16.98
N PHE B 33 -1.38 15.48 -16.65
CA PHE B 33 -0.88 15.57 -15.29
C PHE B 33 -1.95 16.08 -14.35
N GLN B 34 -2.57 17.20 -14.70
CA GLN B 34 -3.68 17.76 -13.93
C GLN B 34 -4.89 16.82 -13.92
N LYS B 35 -5.11 16.08 -15.02
CA LYS B 35 -6.23 15.16 -15.09
C LYS B 35 -6.06 13.98 -14.13
N ILE B 36 -4.89 13.34 -14.15
CA ILE B 36 -4.66 12.22 -13.26
C ILE B 36 -4.48 12.72 -11.82
N ALA B 37 -4.02 13.96 -11.63
CA ALA B 37 -3.95 14.52 -10.29
C ALA B 37 -5.33 14.78 -9.73
N MET B 38 -6.26 15.24 -10.56
CA MET B 38 -7.64 15.41 -10.14
C MET B 38 -8.29 14.07 -9.86
N ALA B 39 -7.91 13.04 -10.63
CA ALA B 39 -8.45 11.71 -10.40
C ALA B 39 -7.97 11.14 -9.07
N THR B 40 -6.68 11.27 -8.77
CA THR B 40 -6.20 10.75 -7.50
C THR B 40 -6.62 11.65 -6.33
N ALA B 41 -6.88 12.93 -6.60
CA ALA B 41 -7.37 13.81 -5.54
C ALA B 41 -8.80 13.47 -5.16
N ILE B 42 -9.65 13.19 -6.15
CA ILE B 42 -11.02 12.81 -5.81
C ILE B 42 -11.06 11.39 -5.25
N GLY B 43 -10.17 10.50 -5.69
CA GLY B 43 -10.14 9.17 -5.12
C GLY B 43 -9.57 9.15 -3.71
N PHE B 44 -8.69 10.10 -3.40
CA PHE B 44 -8.18 10.21 -2.05
C PHE B 44 -9.18 10.92 -1.14
N ALA B 45 -9.93 11.89 -1.69
CA ALA B 45 -10.96 12.56 -0.92
C ALA B 45 -12.17 11.67 -0.68
N ILE B 46 -12.37 10.61 -1.46
CA ILE B 46 -13.39 9.64 -1.09
C ILE B 46 -12.95 8.84 0.12
N MET B 47 -11.84 8.13 0.02
CA MET B 47 -11.42 7.22 1.09
C MET B 47 -10.71 7.92 2.23
N GLY B 48 -10.41 9.21 2.11
CA GLY B 48 -9.79 9.92 3.20
C GLY B 48 -10.74 10.22 4.33
N PHE B 49 -11.93 10.71 3.99
CA PHE B 49 -12.90 11.14 5.00
C PHE B 49 -13.62 9.99 5.66
N ILE B 50 -13.36 8.75 5.25
CA ILE B 50 -13.96 7.59 5.91
C ILE B 50 -13.33 7.35 7.27
N GLY B 51 -12.01 7.50 7.38
CA GLY B 51 -11.38 7.50 8.69
C GLY B 51 -11.76 8.70 9.54
N PHE B 52 -12.04 9.83 8.88
CA PHE B 52 -12.62 10.98 9.59
C PHE B 52 -13.99 10.65 10.14
N PHE B 53 -14.80 9.89 9.40
CA PHE B 53 -16.10 9.47 9.93
C PHE B 53 -15.95 8.37 10.97
N VAL B 54 -14.85 7.62 10.90
CA VAL B 54 -14.55 6.64 11.96
C VAL B 54 -14.26 7.36 13.28
N LYS B 55 -13.43 8.41 13.23
CA LYS B 55 -13.18 9.16 14.46
C LYS B 55 -14.33 10.11 14.82
N LEU B 56 -15.29 10.31 13.91
CA LEU B 56 -16.53 10.99 14.29
C LEU B 56 -17.46 10.04 15.05
N ILE B 57 -17.61 8.81 14.55
CA ILE B 57 -18.48 7.83 15.20
C ILE B 57 -17.88 7.34 16.50
N HIS B 58 -16.56 7.24 16.58
CA HIS B 58 -15.97 6.49 17.67
C HIS B 58 -15.76 7.27 18.96
N ILE B 59 -15.57 8.60 18.91
CA ILE B 59 -15.37 9.34 20.17
C ILE B 59 -16.62 9.46 21.04
N PRO B 60 -17.91 9.40 20.54
CA PRO B 60 -18.99 9.12 21.49
C PRO B 60 -18.89 7.71 22.06
N ILE B 61 -18.51 6.76 21.22
CA ILE B 61 -18.37 5.38 21.67
C ILE B 61 -17.14 5.23 22.57
N ASN B 62 -16.09 6.02 22.30
CA ASN B 62 -14.94 6.01 23.21
C ASN B 62 -15.24 6.77 24.50
N ASN B 63 -16.14 7.74 24.48
CA ASN B 63 -16.57 8.38 25.73
C ASN B 63 -17.44 7.44 26.55
N ILE B 64 -18.26 6.62 25.90
CA ILE B 64 -19.11 5.68 26.61
C ILE B 64 -18.29 4.51 27.15
N ILE B 65 -17.46 3.89 26.30
CA ILE B 65 -16.63 2.76 26.69
C ILE B 65 -15.16 3.12 26.59
N UNK C 1 -26.91 -12.63 -0.40
CA UNK C 1 -27.97 -11.74 -0.85
C UNK C 1 -27.78 -10.32 -0.31
N UNK C 2 -28.55 -9.39 -0.89
CA UNK C 2 -28.45 -7.96 -0.59
C UNK C 2 -28.88 -7.62 0.82
N UNK C 3 -29.78 -8.43 1.37
CA UNK C 3 -30.17 -8.29 2.77
C UNK C 3 -29.27 -9.16 3.63
N UNK C 4 -28.72 -10.22 3.03
CA UNK C 4 -27.88 -11.18 3.75
C UNK C 4 -26.57 -10.57 4.22
N UNK C 5 -25.95 -9.78 3.34
CA UNK C 5 -24.70 -9.09 3.67
C UNK C 5 -24.88 -8.10 4.83
N UNK C 6 -25.95 -7.32 4.76
CA UNK C 6 -26.28 -6.33 5.79
C UNK C 6 -26.64 -7.02 7.09
N UNK C 7 -27.29 -8.17 6.99
CA UNK C 7 -27.63 -8.98 8.15
C UNK C 7 -26.37 -9.47 8.85
N UNK C 8 -25.41 -9.97 8.07
CA UNK C 8 -24.12 -10.41 8.60
C UNK C 8 -23.37 -9.29 9.31
N UNK C 9 -23.32 -8.13 8.65
CA UNK C 9 -22.64 -6.95 9.20
C UNK C 9 -23.26 -6.44 10.50
N UNK C 10 -24.59 -6.32 10.51
CA UNK C 10 -25.29 -5.83 11.69
C UNK C 10 -25.26 -6.87 12.81
N UNK C 11 -25.23 -8.16 12.47
CA UNK C 11 -25.12 -9.21 13.48
C UNK C 11 -23.76 -9.16 14.16
N UNK C 12 -22.72 -8.93 13.37
CA UNK C 12 -21.37 -8.75 13.90
C UNK C 12 -21.27 -7.51 14.79
N UNK C 13 -21.87 -6.41 14.35
CA UNK C 13 -21.88 -5.16 15.11
C UNK C 13 -22.62 -5.30 16.43
N UNK C 14 -23.77 -5.96 16.39
CA UNK C 14 -24.59 -6.21 17.56
C UNK C 14 -23.90 -7.15 18.54
N UNK C 15 -23.22 -8.19 18.04
CA UNK C 15 -22.46 -9.12 18.88
C UNK C 15 -21.31 -8.42 19.56
N UNK C 16 -20.61 -7.54 18.84
CA UNK C 16 -19.51 -6.77 19.41
C UNK C 16 -20.00 -5.77 20.47
N UNK C 17 -21.14 -5.14 20.21
CA UNK C 17 -21.71 -4.19 21.17
C UNK C 17 -22.27 -4.90 22.40
N UNK C 18 -22.75 -6.13 22.22
CA UNK C 18 -23.32 -6.92 23.29
C UNK C 18 -22.23 -7.54 24.17
N UNK C 19 -21.10 -7.88 23.55
CA UNK C 19 -19.95 -8.34 24.31
C UNK C 19 -19.37 -7.16 25.09
N UNK C 20 -19.09 -6.08 24.39
CA UNK C 20 -18.58 -4.86 25.03
C UNK C 20 -19.69 -4.13 25.76
#